data_9GP2
#
_entry.id   9GP2
#
_cell.length_a   122.374
_cell.length_b   122.374
_cell.length_c   170.125
_cell.angle_alpha   90.000
_cell.angle_beta   90.000
_cell.angle_gamma   120.000
#
_symmetry.space_group_name_H-M   'P 62 2 2'
#
loop_
_entity.id
_entity.type
_entity.pdbx_description
1 polymer 'Chains: H'
2 polymer 'Chains: L'
3 water water
#
loop_
_entity_poly.entity_id
_entity_poly.type
_entity_poly.pdbx_seq_one_letter_code
_entity_poly.pdbx_strand_id
1 'polypeptide(L)'
;QVQLQQSGGGLVQPGGSLKLSCAASGIDFSRYWMSWVRRAPGKGLEWIGEINPDSSTINYAPSLKDKFIISRDNAKNTLY
LQMSKVRSEDTALYYCASLYYDYGDAMDYWGQGTSVTVSSASTKGPSVFPLAPSSKSTSGGTAALGCLVKDYFPEPVTVS
WNSGALTSGVHTFPAVLQSSGLYSLSSVVTVPSSSLGTQTYICNVNHKPSNTKVDKRVEPKS
;
H
2 'polypeptide(L)'
;DIVMTQSQRFMTTSVGDRVSVTCKASQSVDSNVAWYQQKPRQSPKALIFSASLRFSGVPARFTGSGSGTDFTLTISNLQS
EDLAEYFCQQYNNYPLTFGAGTKLELKRTVAAPSVFIFPPSDEQLKSGTASVVCLLNNFYPREAKVQWKVDNALQSGNSQ
ESVTEQDSKDSTYSLSSTLTLSKADYEKHKVYACEVTHQGLSSPVTKSFNRGE
;
L
#
# COMPACT_ATOMS: atom_id res chain seq x y z
N GLN A 1 28.14 -0.30 3.77
CA GLN A 1 26.68 -0.40 3.54
C GLN A 1 26.05 -1.40 4.52
N VAL A 2 25.14 -0.92 5.37
CA VAL A 2 24.41 -1.81 6.26
C VAL A 2 23.21 -2.39 5.52
N GLN A 3 23.07 -3.72 5.56
CA GLN A 3 21.89 -4.36 5.01
C GLN A 3 21.40 -5.50 5.88
N LEU A 4 20.07 -5.59 6.00
CA LEU A 4 19.37 -6.67 6.68
C LEU A 4 18.49 -7.36 5.64
N GLN A 5 18.88 -8.57 5.24
CA GLN A 5 18.25 -9.28 4.14
C GLN A 5 17.26 -10.30 4.71
N GLN A 6 15.99 -10.00 4.58
CA GLN A 6 14.95 -10.91 5.07
C GLN A 6 14.59 -11.95 4.02
N SER A 7 14.15 -13.10 4.52
CA SER A 7 13.64 -14.19 3.71
C SER A 7 12.66 -15.01 4.55
N GLY A 8 11.95 -15.91 3.89
CA GLY A 8 10.93 -16.69 4.56
C GLY A 8 9.53 -16.18 4.25
N GLY A 9 8.59 -16.68 5.01
CA GLY A 9 7.24 -16.15 4.92
C GLY A 9 6.40 -16.77 3.82
N GLY A 10 5.31 -16.08 3.51
CA GLY A 10 4.35 -16.57 2.55
C GLY A 10 3.01 -16.90 3.20
N LEU A 11 2.32 -17.82 2.59
CA LEU A 11 0.98 -18.20 2.96
C LEU A 11 1.01 -19.45 3.82
N VAL A 12 0.39 -19.39 4.99
CA VAL A 12 0.35 -20.49 5.95
C VAL A 12 -1.08 -20.67 6.44
N GLN A 13 -1.39 -21.87 6.88
CA GLN A 13 -2.67 -22.23 7.48
C GLN A 13 -2.78 -21.74 8.92
N PRO A 14 -3.99 -21.40 9.36
CA PRO A 14 -4.20 -21.12 10.79
C PRO A 14 -3.77 -22.31 11.63
N GLY A 15 -3.08 -22.02 12.74
CA GLY A 15 -2.43 -23.06 13.52
C GLY A 15 -1.12 -23.53 12.97
N GLY A 16 -0.70 -23.00 11.81
CA GLY A 16 0.56 -23.40 11.23
C GLY A 16 1.75 -22.71 11.89
N SER A 17 2.92 -23.01 11.33
CA SER A 17 4.18 -22.46 11.81
C SER A 17 5.03 -22.05 10.63
N LEU A 18 5.92 -21.11 10.89
CA LEU A 18 6.66 -20.39 9.86
C LEU A 18 7.86 -19.76 10.56
N LYS A 19 9.03 -19.87 9.97
CA LYS A 19 10.24 -19.24 10.52
C LYS A 19 10.75 -18.20 9.55
N LEU A 20 10.79 -16.94 10.00
CA LEU A 20 11.36 -15.85 9.24
C LEU A 20 12.84 -15.70 9.56
N SER A 21 13.61 -15.26 8.56
CA SER A 21 15.05 -15.07 8.68
C SER A 21 15.42 -13.64 8.29
N CYS A 22 16.48 -13.14 8.93
CA CYS A 22 16.99 -11.80 8.71
C CYS A 22 18.51 -11.86 8.80
N ALA A 23 19.20 -11.78 7.66
CA ALA A 23 20.66 -11.87 7.59
C ALA A 23 21.29 -10.49 7.56
N ALA A 24 22.21 -10.25 8.48
CA ALA A 24 22.87 -8.94 8.57
C ALA A 24 24.23 -8.95 7.88
N SER A 25 24.53 -7.85 7.21
CA SER A 25 25.85 -7.63 6.63
C SER A 25 26.20 -6.16 6.83
N GLY A 26 27.51 -5.89 6.80
CA GLY A 26 27.99 -4.53 6.96
C GLY A 26 27.95 -4.00 8.37
N ILE A 27 27.70 -4.85 9.37
CA ILE A 27 27.80 -4.48 10.78
C ILE A 27 28.30 -5.70 11.54
N ASP A 28 28.87 -5.44 12.72
CA ASP A 28 29.30 -6.48 13.64
C ASP A 28 28.05 -7.00 14.36
N PHE A 29 27.34 -7.90 13.67
CA PHE A 29 26.04 -8.38 14.16
C PHE A 29 26.10 -8.81 15.62
N SER A 30 27.22 -9.37 16.06
CA SER A 30 27.23 -9.96 17.39
C SER A 30 27.26 -8.93 18.51
N ARG A 31 27.41 -7.64 18.18
CA ARG A 31 27.35 -6.56 19.17
C ARG A 31 25.98 -5.88 19.23
N TYR A 32 25.00 -6.29 18.43
CA TYR A 32 23.77 -5.54 18.28
C TYR A 32 22.56 -6.24 18.90
N TRP A 33 21.75 -5.46 19.62
CA TRP A 33 20.38 -5.86 19.91
C TRP A 33 19.57 -5.80 18.61
N MET A 34 18.67 -6.77 18.44
CA MET A 34 17.84 -6.86 17.25
C MET A 34 16.37 -6.96 17.63
N SER A 35 15.51 -6.47 16.72
CA SER A 35 14.09 -6.35 16.97
C SER A 35 13.28 -6.88 15.78
N TRP A 36 12.04 -7.28 16.09
CA TRP A 36 11.03 -7.62 15.07
C TRP A 36 9.81 -6.71 15.26
N VAL A 37 9.27 -6.22 14.13
CA VAL A 37 8.13 -5.32 14.12
C VAL A 37 7.22 -5.78 12.97
N ARG A 38 5.91 -5.53 13.08
CA ARG A 38 5.07 -5.88 11.94
C ARG A 38 4.04 -4.80 11.65
N ARG A 39 3.47 -4.86 10.45
CA ARG A 39 2.36 -3.99 10.08
C ARG A 39 1.26 -4.84 9.42
N ALA A 40 0.13 -4.92 10.07
CA ALA A 40 -1.04 -5.58 9.48
C ALA A 40 -1.71 -4.65 8.48
N PRO A 41 -2.50 -5.20 7.55
CA PRO A 41 -3.13 -4.35 6.53
C PRO A 41 -3.97 -3.26 7.14
N GLY A 42 -3.73 -2.04 6.66
CA GLY A 42 -4.46 -0.89 7.15
C GLY A 42 -4.13 -0.43 8.54
N LYS A 43 -3.07 -0.92 9.15
CA LYS A 43 -2.79 -0.60 10.53
C LYS A 43 -1.42 0.05 10.69
N GLY A 44 -1.16 0.53 11.90
CA GLY A 44 0.14 1.04 12.26
C GLY A 44 1.12 -0.05 12.63
N LEU A 45 2.40 0.31 12.67
CA LEU A 45 3.43 -0.63 13.07
C LEU A 45 3.23 -1.07 14.51
N GLU A 46 3.56 -2.34 14.78
CA GLU A 46 3.44 -2.94 16.09
C GLU A 46 4.70 -3.74 16.39
N TRP A 47 5.28 -3.48 17.57
CA TRP A 47 6.51 -4.16 17.97
C TRP A 47 6.20 -5.57 18.44
N ILE A 48 7.02 -6.54 18.04
CA ILE A 48 6.85 -7.92 18.47
C ILE A 48 7.79 -8.27 19.62
N GLY A 49 9.08 -7.96 19.48
CA GLY A 49 10.02 -8.26 20.54
C GLY A 49 11.44 -7.98 20.09
N GLU A 50 12.38 -8.31 20.98
CA GLU A 50 13.78 -7.97 20.77
C GLU A 50 14.64 -9.02 21.47
N ILE A 51 15.92 -9.04 21.10
CA ILE A 51 16.88 -9.99 21.68
C ILE A 51 18.25 -9.31 21.77
N ASN A 52 18.94 -9.53 22.87
CA ASN A 52 20.23 -8.90 23.07
C ASN A 52 21.33 -9.73 22.41
N PRO A 53 22.58 -9.25 22.40
CA PRO A 53 23.61 -9.93 21.60
C PRO A 53 23.86 -11.38 21.96
N ASP A 54 23.94 -11.73 23.24
CA ASP A 54 24.24 -13.11 23.63
C ASP A 54 22.99 -13.95 23.91
N SER A 55 21.79 -13.44 23.61
CA SER A 55 20.50 -14.12 23.75
C SER A 55 20.05 -14.31 25.20
N SER A 56 20.71 -13.69 26.18
CA SER A 56 20.31 -13.84 27.57
C SER A 56 19.12 -12.97 27.93
N THR A 57 18.75 -12.01 27.09
CA THR A 57 17.53 -11.24 27.27
C THR A 57 16.72 -11.31 25.98
N ILE A 58 15.47 -11.73 26.10
CA ILE A 58 14.51 -11.70 25.02
C ILE A 58 13.23 -11.11 25.62
N ASN A 59 12.81 -9.95 25.13
CA ASN A 59 11.59 -9.29 25.58
C ASN A 59 10.56 -9.36 24.46
N TYR A 60 9.30 -9.59 24.85
CA TYR A 60 8.19 -9.70 23.90
C TYR A 60 7.09 -8.71 24.25
N ALA A 61 6.39 -8.21 23.24
CA ALA A 61 5.12 -7.57 23.50
C ALA A 61 4.20 -8.56 24.23
N PRO A 62 3.49 -8.13 25.25
CA PRO A 62 2.83 -9.12 26.12
C PRO A 62 1.73 -9.90 25.41
N SER A 63 0.98 -9.27 24.52
CA SER A 63 -0.08 -9.98 23.84
C SER A 63 0.41 -11.09 22.93
N LEU A 64 1.72 -11.13 22.64
CA LEU A 64 2.29 -11.94 21.57
C LEU A 64 3.30 -12.97 22.05
N LYS A 65 3.61 -13.01 23.35
CA LYS A 65 4.58 -13.96 23.88
C LYS A 65 4.27 -15.39 23.46
N ASP A 66 2.98 -15.73 23.33
CA ASP A 66 2.59 -17.12 23.09
C ASP A 66 2.91 -17.58 21.67
N LYS A 67 2.81 -16.68 20.70
CA LYS A 67 2.89 -17.08 19.30
C LYS A 67 4.27 -16.95 18.67
N PHE A 68 5.21 -16.27 19.34
CA PHE A 68 6.46 -15.88 18.68
C PHE A 68 7.67 -16.26 19.53
N ILE A 69 8.66 -16.87 18.89
CA ILE A 69 9.96 -17.13 19.52
C ILE A 69 11.02 -16.44 18.69
N ILE A 70 11.77 -15.54 19.33
CA ILE A 70 12.89 -14.84 18.70
C ILE A 70 14.17 -15.56 19.07
N SER A 71 15.05 -15.76 18.09
CA SER A 71 16.37 -16.34 18.35
C SER A 71 17.33 -15.73 17.35
N ARG A 72 18.61 -16.05 17.51
CA ARG A 72 19.65 -15.54 16.64
C ARG A 72 20.82 -16.52 16.63
N ASP A 73 21.59 -16.49 15.56
CA ASP A 73 22.79 -17.30 15.41
C ASP A 73 23.87 -16.33 14.98
N ASN A 74 24.72 -15.92 15.92
CA ASN A 74 25.68 -14.87 15.59
C ASN A 74 26.70 -15.34 14.56
N ALA A 75 27.02 -16.62 14.52
CA ALA A 75 27.99 -17.11 13.54
C ALA A 75 27.45 -16.97 12.11
N LYS A 76 26.14 -16.95 11.95
CA LYS A 76 25.52 -16.74 10.65
C LYS A 76 25.12 -15.30 10.42
N ASN A 77 25.34 -14.43 11.39
CA ASN A 77 24.89 -13.06 11.30
C ASN A 77 23.38 -13.01 11.04
N THR A 78 22.64 -13.99 11.57
CA THR A 78 21.23 -14.13 11.25
C THR A 78 20.33 -14.06 12.48
N LEU A 79 19.19 -13.41 12.29
CA LEU A 79 18.13 -13.28 13.29
C LEU A 79 16.89 -14.05 12.83
N TYR A 80 16.19 -14.69 13.77
CA TYR A 80 15.04 -15.50 13.43
C TYR A 80 13.79 -15.09 14.21
N LEU A 81 12.64 -15.32 13.58
CA LEU A 81 11.34 -15.23 14.24
C LEU A 81 10.58 -16.51 13.93
N GLN A 82 10.30 -17.30 14.95
CA GLN A 82 9.48 -18.50 14.79
C GLN A 82 8.04 -18.13 15.16
N MET A 83 7.13 -18.37 14.22
CA MET A 83 5.70 -18.11 14.43
C MET A 83 4.98 -19.44 14.57
N SER A 84 4.09 -19.55 15.54
CA SER A 84 3.36 -20.80 15.74
C SER A 84 1.94 -20.46 16.14
N LYS A 85 1.02 -21.43 15.92
CA LYS A 85 -0.39 -21.25 16.30
C LYS A 85 -0.95 -19.96 15.72
N VAL A 86 -0.53 -19.63 14.51
CA VAL A 86 -0.90 -18.35 13.91
C VAL A 86 -2.40 -18.32 13.60
N ARG A 87 -2.96 -17.12 13.61
CA ARG A 87 -4.33 -16.88 13.21
C ARG A 87 -4.36 -15.78 12.18
N SER A 88 -5.55 -15.48 11.67
CA SER A 88 -5.66 -14.57 10.53
C SER A 88 -5.16 -13.19 10.88
N GLU A 89 -5.29 -12.81 12.16
CA GLU A 89 -4.76 -11.53 12.64
C GLU A 89 -3.26 -11.40 12.43
N ASP A 90 -2.53 -12.50 12.29
CA ASP A 90 -1.09 -12.42 12.10
C ASP A 90 -0.70 -12.17 10.65
N THR A 91 -1.65 -12.09 9.73
CA THR A 91 -1.39 -11.59 8.39
C THR A 91 -0.79 -10.18 8.45
N ALA A 92 0.43 -10.03 7.96
CA ALA A 92 1.11 -8.75 8.08
C ALA A 92 2.44 -8.78 7.34
N LEU A 93 2.99 -7.58 7.18
CA LEU A 93 4.36 -7.41 6.74
C LEU A 93 5.27 -7.37 7.96
N TYR A 94 6.28 -8.24 7.98
CA TYR A 94 7.15 -8.42 9.14
C TYR A 94 8.53 -7.85 8.83
N TYR A 95 9.02 -6.99 9.72
CA TYR A 95 10.33 -6.37 9.58
C TYR A 95 11.27 -6.79 10.70
N CYS A 96 12.53 -7.01 10.37
CA CYS A 96 13.57 -7.00 11.37
C CYS A 96 14.23 -5.62 11.40
N ALA A 97 14.83 -5.30 12.54
CA ALA A 97 15.50 -4.03 12.65
C ALA A 97 16.55 -4.12 13.74
N SER A 98 17.63 -3.39 13.54
CA SER A 98 18.66 -3.24 14.55
C SER A 98 18.27 -2.10 15.50
N LEU A 99 18.71 -2.23 16.75
CA LEU A 99 18.34 -1.32 17.83
C LEU A 99 19.53 -0.44 18.17
N TYR A 100 19.28 0.82 18.44
CA TYR A 100 20.31 1.83 18.62
C TYR A 100 20.66 1.93 20.11
N TYR A 101 21.20 0.82 20.62
CA TYR A 101 21.31 0.62 22.06
C TYR A 101 22.30 1.58 22.74
N ASP A 102 23.11 2.31 21.97
CA ASP A 102 23.88 3.40 22.55
C ASP A 102 22.97 4.40 23.26
N TYR A 103 21.70 4.51 22.82
CA TYR A 103 20.77 5.43 23.44
C TYR A 103 19.44 4.81 23.86
N GLY A 104 19.00 3.74 23.19
CA GLY A 104 17.67 3.21 23.47
C GLY A 104 17.14 2.35 22.33
N ASP A 105 15.90 1.87 22.52
CA ASP A 105 15.31 0.97 21.53
C ASP A 105 14.65 1.73 20.40
N ALA A 106 15.37 2.68 19.82
CA ALA A 106 15.10 3.14 18.47
C ALA A 106 15.71 2.17 17.47
N MET A 107 15.15 2.17 16.24
CA MET A 107 15.50 1.18 15.23
C MET A 107 16.25 1.87 14.10
N ASP A 108 17.58 1.72 14.08
CA ASP A 108 18.38 2.55 13.20
C ASP A 108 18.51 1.96 11.79
N TYR A 109 18.32 0.66 11.63
CA TYR A 109 18.36 0.01 10.32
C TYR A 109 17.23 -1.02 10.25
N TRP A 110 16.58 -1.10 9.10
CA TRP A 110 15.40 -1.92 8.87
C TRP A 110 15.63 -2.84 7.69
N GLY A 111 15.19 -4.08 7.84
CA GLY A 111 15.13 -4.99 6.72
C GLY A 111 14.06 -4.58 5.73
N GLN A 112 14.00 -5.29 4.62
CA GLN A 112 13.08 -4.91 3.55
C GLN A 112 11.66 -5.41 3.78
N GLY A 113 11.47 -6.33 4.70
CA GLY A 113 10.15 -6.74 5.11
C GLY A 113 9.78 -8.03 4.42
N THR A 114 9.02 -8.87 5.13
CA THR A 114 8.56 -10.17 4.64
C THR A 114 7.06 -10.26 4.81
N SER A 115 6.35 -10.59 3.74
CA SER A 115 4.90 -10.71 3.77
C SER A 115 4.51 -12.09 4.30
N VAL A 116 3.59 -12.13 5.26
CA VAL A 116 2.98 -13.36 5.75
C VAL A 116 1.46 -13.25 5.63
N THR A 117 0.84 -14.28 5.04
CA THR A 117 -0.63 -14.39 5.01
C THR A 117 -1.05 -15.68 5.72
N VAL A 118 -1.95 -15.55 6.67
CA VAL A 118 -2.50 -16.68 7.41
C VAL A 118 -3.94 -16.86 6.92
N SER A 119 -4.23 -18.02 6.34
CA SER A 119 -5.56 -18.27 5.83
C SER A 119 -5.71 -19.76 5.54
N SER A 120 -6.95 -20.24 5.64
CA SER A 120 -7.23 -21.63 5.30
C SER A 120 -7.37 -21.82 3.81
N ALA A 121 -7.50 -20.73 3.06
CA ALA A 121 -7.78 -20.82 1.63
C ALA A 121 -6.52 -21.21 0.84
N SER A 122 -6.74 -21.88 -0.26
CA SER A 122 -5.67 -22.33 -1.12
CA SER A 122 -5.64 -22.33 -1.09
C SER A 122 -5.19 -21.22 -2.04
N THR A 123 -3.97 -21.40 -2.56
CA THR A 123 -3.45 -20.54 -3.61
C THR A 123 -4.41 -20.57 -4.80
N LYS A 124 -4.60 -19.41 -5.44
CA LYS A 124 -5.48 -19.32 -6.60
C LYS A 124 -4.95 -18.26 -7.56
N GLY A 125 -4.74 -18.65 -8.82
CA GLY A 125 -4.36 -17.72 -9.85
C GLY A 125 -5.50 -16.82 -10.33
N PRO A 126 -5.17 -15.64 -10.84
CA PRO A 126 -6.22 -14.71 -11.28
C PRO A 126 -6.77 -15.08 -12.64
N SER A 127 -7.98 -14.61 -12.89
CA SER A 127 -8.49 -14.43 -14.26
C SER A 127 -8.19 -13.01 -14.71
N VAL A 128 -7.81 -12.83 -15.97
CA VAL A 128 -7.47 -11.52 -16.49
C VAL A 128 -8.45 -11.15 -17.58
N PHE A 129 -9.18 -10.05 -17.37
CA PHE A 129 -10.19 -9.64 -18.32
C PHE A 129 -9.83 -8.28 -18.90
N PRO A 130 -10.11 -8.06 -20.19
CA PRO A 130 -9.85 -6.75 -20.79
C PRO A 130 -10.79 -5.67 -20.29
N LEU A 131 -10.25 -4.47 -20.20
CA LEU A 131 -11.03 -3.24 -20.02
C LEU A 131 -10.85 -2.52 -21.36
N ALA A 132 -11.76 -2.80 -22.29
CA ALA A 132 -11.58 -2.40 -23.68
C ALA A 132 -11.79 -0.90 -23.86
N PRO A 133 -11.02 -0.26 -24.73
CA PRO A 133 -11.20 1.18 -24.96
C PRO A 133 -12.57 1.46 -25.55
N SER A 134 -13.20 2.52 -25.04
CA SER A 134 -14.53 2.91 -25.51
C SER A 134 -14.51 3.17 -27.02
N SER A 135 -15.57 2.75 -27.70
CA SER A 135 -15.72 3.05 -29.12
C SER A 135 -16.07 4.52 -29.35
N LYS A 136 -16.61 5.19 -28.33
CA LYS A 136 -16.90 6.61 -28.39
C LYS A 136 -15.68 7.48 -28.06
N SER A 137 -14.55 6.88 -27.71
CA SER A 137 -13.35 7.61 -27.30
C SER A 137 -13.14 8.83 -28.20
N THR A 138 -12.89 9.98 -27.56
CA THR A 138 -12.84 11.26 -28.25
C THR A 138 -11.97 11.19 -29.50
N SER A 139 -12.58 11.53 -30.64
CA SER A 139 -11.86 11.55 -31.91
C SER A 139 -10.63 12.46 -31.82
N GLY A 140 -9.45 11.87 -32.03
CA GLY A 140 -8.23 12.65 -31.95
C GLY A 140 -7.82 13.04 -30.56
N GLY A 141 -8.37 12.39 -29.54
CA GLY A 141 -8.04 12.69 -28.17
C GLY A 141 -7.43 11.50 -27.46
N THR A 142 -7.83 11.27 -26.21
CA THR A 142 -7.17 10.29 -25.37
C THR A 142 -8.14 9.19 -24.97
N ALA A 143 -7.72 7.95 -25.17
CA ALA A 143 -8.47 6.76 -24.82
C ALA A 143 -7.84 6.05 -23.62
N ALA A 144 -8.67 5.36 -22.85
CA ALA A 144 -8.22 4.57 -21.72
C ALA A 144 -8.55 3.10 -21.95
N LEU A 145 -7.63 2.24 -21.55
CA LEU A 145 -7.83 0.80 -21.65
C LEU A 145 -7.11 0.15 -20.47
N GLY A 146 -7.36 -1.14 -20.27
CA GLY A 146 -6.78 -1.73 -19.09
C GLY A 146 -7.01 -3.22 -19.02
N CYS A 147 -6.63 -3.78 -17.86
CA CYS A 147 -6.83 -5.19 -17.56
C CYS A 147 -7.31 -5.27 -16.13
N LEU A 148 -8.35 -6.08 -15.91
CA LEU A 148 -8.89 -6.40 -14.61
C LEU A 148 -8.33 -7.76 -14.20
N VAL A 149 -7.55 -7.78 -13.12
CA VAL A 149 -6.89 -8.99 -12.63
C VAL A 149 -7.70 -9.46 -11.43
N LYS A 150 -8.55 -10.46 -11.64
CA LYS A 150 -9.59 -10.78 -10.68
C LYS A 150 -9.35 -12.13 -10.03
N ASP A 151 -9.66 -12.19 -8.73
CA ASP A 151 -9.88 -13.44 -7.98
C ASP A 151 -8.59 -14.25 -7.82
N TYR A 152 -7.54 -13.61 -7.29
CA TYR A 152 -6.32 -14.32 -6.95
C TYR A 152 -6.05 -14.32 -5.44
N PHE A 153 -5.18 -15.27 -5.04
CA PHE A 153 -4.79 -15.42 -3.63
C PHE A 153 -3.50 -16.22 -3.51
N PRO A 154 -2.54 -15.80 -2.66
CA PRO A 154 -2.46 -14.56 -1.91
C PRO A 154 -1.93 -13.45 -2.80
N GLU A 155 -1.69 -12.29 -2.23
CA GLU A 155 -0.88 -11.29 -2.91
C GLU A 155 0.52 -11.87 -3.08
N PRO A 156 1.34 -11.34 -4.00
CA PRO A 156 1.07 -10.22 -4.90
C PRO A 156 0.90 -10.66 -6.36
N VAL A 157 0.36 -9.79 -7.21
CA VAL A 157 0.50 -9.91 -8.65
C VAL A 157 1.40 -8.76 -9.13
N THR A 158 1.98 -8.94 -10.31
CA THR A 158 2.63 -7.86 -11.03
C THR A 158 1.99 -7.71 -12.39
N VAL A 159 1.98 -6.47 -12.89
CA VAL A 159 1.42 -6.14 -14.20
C VAL A 159 2.39 -5.24 -14.93
N SER A 160 2.71 -5.58 -16.17
CA SER A 160 3.44 -4.69 -17.05
C SER A 160 2.64 -4.59 -18.34
N TRP A 161 3.00 -3.61 -19.16
CA TRP A 161 2.33 -3.41 -20.45
C TRP A 161 3.35 -3.54 -21.57
N ASN A 162 2.97 -4.27 -22.61
CA ASN A 162 3.82 -4.52 -23.78
C ASN A 162 5.22 -4.92 -23.34
N SER A 163 5.26 -5.82 -22.36
CA SER A 163 6.50 -6.41 -21.90
C SER A 163 7.45 -5.34 -21.39
N GLY A 164 6.91 -4.32 -20.72
CA GLY A 164 7.70 -3.25 -20.15
C GLY A 164 8.01 -2.10 -21.07
N ALA A 165 7.68 -2.20 -22.36
CA ALA A 165 7.93 -1.07 -23.26
C ALA A 165 6.95 0.08 -23.04
N LEU A 166 5.77 -0.18 -22.49
CA LEU A 166 4.77 0.86 -22.27
C LEU A 166 4.68 1.15 -20.79
N THR A 167 5.08 2.37 -20.39
CA THR A 167 5.10 2.77 -18.98
C THR A 167 4.43 4.10 -18.73
N SER A 168 4.45 4.99 -19.73
CA SER A 168 3.85 6.30 -19.57
C SER A 168 2.33 6.18 -19.57
N GLY A 169 1.68 6.85 -18.62
CA GLY A 169 0.23 6.82 -18.51
C GLY A 169 -0.32 5.59 -17.85
N VAL A 170 0.53 4.70 -17.36
CA VAL A 170 0.06 3.49 -16.69
C VAL A 170 -0.28 3.81 -15.23
N HIS A 171 -1.42 3.31 -14.77
CA HIS A 171 -1.74 3.31 -13.35
C HIS A 171 -2.16 1.90 -12.99
N THR A 172 -1.37 1.26 -12.13
CA THR A 172 -1.73 -0.04 -11.57
C THR A 172 -2.18 0.18 -10.14
N PHE A 173 -3.45 -0.12 -9.87
CA PHE A 173 -4.08 0.24 -8.61
C PHE A 173 -3.71 -0.77 -7.53
N PRO A 174 -3.73 -0.34 -6.27
CA PRO A 174 -3.60 -1.29 -5.16
C PRO A 174 -4.68 -2.35 -5.21
N ALA A 175 -4.29 -3.55 -4.83
CA ALA A 175 -5.24 -4.64 -4.72
C ALA A 175 -6.30 -4.31 -3.68
N VAL A 176 -7.51 -4.83 -3.90
CA VAL A 176 -8.58 -4.78 -2.91
C VAL A 176 -8.90 -6.21 -2.50
N LEU A 177 -9.21 -6.39 -1.23
CA LEU A 177 -9.63 -7.69 -0.74
C LEU A 177 -11.14 -7.75 -0.86
N GLN A 178 -11.63 -8.70 -1.64
CA GLN A 178 -13.08 -8.78 -1.87
C GLN A 178 -13.74 -9.52 -0.72
N SER A 179 -15.07 -9.41 -0.63
CA SER A 179 -15.79 -10.13 0.41
C SER A 179 -15.70 -11.64 0.24
N SER A 180 -15.31 -12.11 -0.94
CA SER A 180 -15.04 -13.52 -1.13
C SER A 180 -13.74 -13.97 -0.48
N GLY A 181 -12.91 -13.05 -0.08
CA GLY A 181 -11.61 -13.38 0.47
C GLY A 181 -10.52 -13.47 -0.57
N LEU A 182 -10.84 -13.20 -1.84
CA LEU A 182 -9.89 -13.17 -2.94
C LEU A 182 -9.57 -11.73 -3.26
N TYR A 183 -8.37 -11.48 -3.78
CA TYR A 183 -7.96 -10.15 -4.19
C TYR A 183 -8.34 -9.88 -5.65
N SER A 184 -8.42 -8.60 -5.98
CA SER A 184 -8.60 -8.13 -7.33
C SER A 184 -7.86 -6.80 -7.48
N LEU A 185 -7.36 -6.56 -8.70
CA LEU A 185 -6.87 -5.24 -9.02
C LEU A 185 -7.01 -4.98 -10.52
N SER A 186 -6.97 -3.71 -10.86
CA SER A 186 -7.00 -3.23 -12.21
C SER A 186 -5.71 -2.48 -12.51
N SER A 187 -5.27 -2.60 -13.76
CA SER A 187 -4.20 -1.79 -14.32
C SER A 187 -4.74 -1.09 -15.57
N VAL A 188 -4.56 0.21 -15.64
CA VAL A 188 -5.05 0.97 -16.78
C VAL A 188 -3.94 1.77 -17.41
N VAL A 189 -4.18 2.16 -18.65
CA VAL A 189 -3.25 3.02 -19.38
C VAL A 189 -4.07 3.94 -20.27
N THR A 190 -3.63 5.19 -20.38
CA THR A 190 -4.19 6.11 -21.36
C THR A 190 -3.20 6.25 -22.52
N VAL A 191 -3.76 6.31 -23.72
CA VAL A 191 -2.98 6.28 -24.95
C VAL A 191 -3.72 7.15 -25.97
N PRO A 192 -3.07 7.55 -27.06
CA PRO A 192 -3.79 8.29 -28.10
C PRO A 192 -4.92 7.47 -28.71
N SER A 193 -6.07 8.11 -28.85
CA SER A 193 -7.19 7.49 -29.55
C SER A 193 -6.84 7.09 -30.97
N SER A 194 -5.98 7.85 -31.65
CA SER A 194 -5.58 7.50 -33.01
C SER A 194 -4.77 6.22 -33.07
N SER A 195 -4.15 5.79 -31.98
CA SER A 195 -3.28 4.63 -32.01
C SER A 195 -4.04 3.31 -31.83
N LEU A 196 -5.33 3.35 -31.53
CA LEU A 196 -6.06 2.12 -31.25
C LEU A 196 -6.14 1.20 -32.48
N GLY A 197 -6.07 1.76 -33.68
CA GLY A 197 -6.10 0.93 -34.87
C GLY A 197 -4.76 0.32 -35.24
N THR A 198 -3.67 0.88 -34.72
CA THR A 198 -2.33 0.48 -35.12
C THR A 198 -1.65 -0.27 -33.98
N GLN A 199 -1.39 0.38 -32.85
CA GLN A 199 -0.64 -0.24 -31.77
C GLN A 199 -1.43 -1.37 -31.12
N THR A 200 -0.72 -2.45 -30.78
CA THR A 200 -1.30 -3.49 -29.95
C THR A 200 -0.96 -3.22 -28.50
N TYR A 201 -1.91 -3.48 -27.61
CA TYR A 201 -1.73 -3.30 -26.18
C TYR A 201 -1.94 -4.63 -25.48
N ILE A 202 -0.92 -5.08 -24.75
CA ILE A 202 -0.93 -6.36 -24.04
C ILE A 202 -0.50 -6.11 -22.61
N CYS A 203 -1.33 -6.56 -21.65
CA CYS A 203 -0.94 -6.51 -20.25
C CYS A 203 -0.35 -7.86 -19.87
N ASN A 204 0.81 -7.82 -19.23
CA ASN A 204 1.56 -9.02 -18.86
C ASN A 204 1.37 -9.18 -17.36
N VAL A 205 0.68 -10.24 -16.96
CA VAL A 205 0.27 -10.44 -15.57
C VAL A 205 1.00 -11.68 -15.06
N ASN A 206 1.63 -11.55 -13.89
CA ASN A 206 2.21 -12.68 -13.19
C ASN A 206 1.65 -12.81 -11.79
N HIS A 207 1.42 -14.05 -11.40
CA HIS A 207 0.98 -14.39 -10.05
C HIS A 207 1.89 -15.53 -9.63
N LYS A 208 3.03 -15.19 -9.03
CA LYS A 208 4.02 -16.23 -8.77
C LYS A 208 3.53 -17.29 -7.79
N PRO A 209 2.76 -16.99 -6.75
CA PRO A 209 2.32 -18.07 -5.85
C PRO A 209 1.61 -19.22 -6.54
N SER A 210 0.81 -18.95 -7.58
CA SER A 210 0.14 -20.00 -8.34
C SER A 210 0.86 -20.36 -9.63
N ASN A 211 1.99 -19.70 -9.91
CA ASN A 211 2.75 -19.90 -11.15
C ASN A 211 1.86 -19.61 -12.36
N THR A 212 1.09 -18.55 -12.26
CA THR A 212 0.19 -18.12 -13.32
C THR A 212 0.82 -16.94 -14.05
N LYS A 213 0.85 -17.03 -15.37
CA LYS A 213 1.34 -15.98 -16.25
C LYS A 213 0.35 -15.82 -17.40
N VAL A 214 -0.19 -14.61 -17.55
CA VAL A 214 -1.19 -14.31 -18.57
C VAL A 214 -0.74 -13.06 -19.34
N ASP A 215 -0.70 -13.17 -20.67
CA ASP A 215 -0.46 -12.05 -21.57
C ASP A 215 -1.75 -11.77 -22.30
N LYS A 216 -2.50 -10.77 -21.87
CA LYS A 216 -3.85 -10.53 -22.37
C LYS A 216 -3.87 -9.38 -23.36
N ARG A 217 -4.27 -9.67 -24.58
CA ARG A 217 -4.44 -8.64 -25.60
C ARG A 217 -5.69 -7.82 -25.32
N VAL A 218 -5.56 -6.50 -25.36
CA VAL A 218 -6.70 -5.61 -25.10
C VAL A 218 -7.03 -4.85 -26.38
N GLU A 219 -8.18 -5.15 -26.95
CA GLU A 219 -8.60 -4.69 -28.27
C GLU A 219 -9.90 -3.91 -28.15
N PRO A 220 -10.12 -2.93 -29.02
CA PRO A 220 -11.47 -2.36 -29.13
C PRO A 220 -12.47 -3.47 -29.43
N LYS A 221 -13.67 -3.35 -28.85
CA LYS A 221 -14.70 -4.34 -29.06
C LYS A 221 -15.51 -4.03 -30.32
N SER A 222 -16.12 -5.07 -30.89
CA SER A 222 -16.97 -4.92 -32.08
C SER A 222 -18.44 -5.11 -31.75
N ASP B 1 -0.38 0.12 27.99
CA ASP B 1 0.52 0.49 26.82
C ASP B 1 0.44 1.98 26.52
N ILE B 2 1.54 2.55 26.08
CA ILE B 2 1.53 3.95 25.68
C ILE B 2 1.04 4.06 24.23
N VAL B 3 0.08 4.93 24.01
CA VAL B 3 -0.42 5.24 22.67
C VAL B 3 0.23 6.53 22.20
N MET B 4 0.83 6.48 21.02
CA MET B 4 1.38 7.64 20.35
C MET B 4 0.38 8.07 19.27
N THR B 5 -0.17 9.28 19.41
CA THR B 5 -1.21 9.79 18.54
C THR B 5 -0.62 10.87 17.64
N GLN B 6 -0.77 10.70 16.33
CA GLN B 6 -0.42 11.74 15.36
C GLN B 6 -1.70 12.40 14.89
N SER B 7 -1.85 13.68 15.25
CA SER B 7 -3.14 14.37 15.15
C SER B 7 -3.64 14.57 13.72
N GLN B 8 -2.76 14.53 12.71
CA GLN B 8 -3.20 14.59 11.32
C GLN B 8 -2.60 13.43 10.56
N ARG B 9 -3.44 12.63 9.92
CA ARG B 9 -2.94 11.56 9.08
C ARG B 9 -2.38 12.08 7.77
N PHE B 10 -2.86 13.24 7.32
CA PHE B 10 -2.50 13.77 6.02
C PHE B 10 -2.18 15.26 6.17
N MET B 11 -1.10 15.70 5.53
CA MET B 11 -0.77 17.12 5.43
C MET B 11 -0.39 17.51 4.01
N THR B 12 -0.95 18.60 3.53
CA THR B 12 -0.58 19.17 2.25
C THR B 12 0.49 20.23 2.45
N THR B 13 1.49 20.24 1.58
CA THR B 13 2.61 21.15 1.73
C THR B 13 3.18 21.45 0.35
N SER B 14 4.22 22.29 0.32
CA SER B 14 4.86 22.74 -0.90
C SER B 14 6.37 22.78 -0.72
N VAL B 15 7.09 22.50 -1.80
CA VAL B 15 8.55 22.59 -1.75
C VAL B 15 8.96 23.97 -1.22
N GLY B 16 9.95 23.97 -0.32
CA GLY B 16 10.42 25.17 0.29
C GLY B 16 9.72 25.57 1.58
N ASP B 17 8.56 24.98 1.87
CA ASP B 17 7.84 25.34 3.06
C ASP B 17 8.46 24.70 4.30
N ARG B 18 8.10 25.24 5.45
CA ARG B 18 8.32 24.58 6.73
C ARG B 18 7.10 23.74 7.06
N VAL B 19 7.32 22.50 7.46
CA VAL B 19 6.27 21.57 7.83
C VAL B 19 6.58 20.99 9.20
N SER B 20 5.57 20.92 10.07
CA SER B 20 5.70 20.34 11.39
C SER B 20 4.70 19.19 11.58
N VAL B 21 5.22 18.02 11.90
CA VAL B 21 4.42 16.84 12.20
C VAL B 21 4.41 16.63 13.72
N THR B 22 3.22 16.46 14.29
CA THR B 22 3.12 16.31 15.73
C THR B 22 2.80 14.88 16.13
N CYS B 23 3.15 14.58 17.37
CA CYS B 23 3.04 13.26 17.96
C CYS B 23 2.76 13.51 19.44
N LYS B 24 1.72 12.87 19.98
CA LYS B 24 1.34 13.05 21.38
C LYS B 24 1.28 11.68 22.05
N ALA B 25 2.03 11.51 23.14
CA ALA B 25 2.02 10.28 23.92
C ALA B 25 0.92 10.33 24.98
N SER B 26 0.30 9.18 25.26
CA SER B 26 -0.81 9.13 26.22
C SER B 26 -0.34 9.34 27.67
N GLN B 27 0.94 9.16 27.93
CA GLN B 27 1.53 9.48 29.23
C GLN B 27 2.99 9.82 28.96
N SER B 28 3.65 10.38 29.97
CA SER B 28 4.97 10.95 29.73
C SER B 28 5.96 9.87 29.32
N VAL B 29 6.76 10.19 28.31
CA VAL B 29 7.83 9.30 27.87
C VAL B 29 9.17 10.04 27.88
N ASP B 30 9.30 11.06 28.73
CA ASP B 30 10.57 11.82 28.88
C ASP B 30 10.99 12.31 27.50
N SER B 31 12.22 12.03 27.06
CA SER B 31 12.73 12.38 25.75
C SER B 31 13.01 11.14 24.89
N ASN B 32 12.44 9.99 25.26
CA ASN B 32 12.76 8.73 24.59
C ASN B 32 11.83 8.52 23.40
N VAL B 33 12.02 9.36 22.40
CA VAL B 33 11.16 9.39 21.22
C VAL B 33 12.04 9.42 19.99
N ALA B 34 11.68 8.63 18.98
CA ALA B 34 12.34 8.59 17.69
C ALA B 34 11.35 8.94 16.58
N TRP B 35 11.89 9.42 15.46
CA TRP B 35 11.10 9.72 14.27
C TRP B 35 11.67 8.97 13.08
N TYR B 36 10.78 8.55 12.19
CA TYR B 36 11.14 7.79 10.99
C TYR B 36 10.44 8.37 9.78
N GLN B 37 11.08 8.19 8.62
CA GLN B 37 10.54 8.50 7.30
C GLN B 37 10.24 7.19 6.59
N GLN B 38 9.12 7.14 5.86
CA GLN B 38 8.87 5.96 5.05
C GLN B 38 8.15 6.33 3.76
N LYS B 39 8.68 5.86 2.64
CA LYS B 39 8.11 6.07 1.33
C LYS B 39 7.47 4.79 0.79
N PRO B 40 6.58 4.91 -0.18
CA PRO B 40 5.86 3.71 -0.65
C PRO B 40 6.82 2.69 -1.19
N ARG B 41 6.59 1.43 -0.81
CA ARG B 41 7.39 0.27 -1.21
C ARG B 41 8.81 0.31 -0.69
N GLN B 42 9.05 1.08 0.37
CA GLN B 42 10.35 1.10 1.01
C GLN B 42 10.18 0.88 2.50
N SER B 43 11.24 0.45 3.14
CA SER B 43 11.25 0.32 4.59
C SER B 43 11.46 1.68 5.26
N PRO B 44 11.14 1.79 6.55
CA PRO B 44 11.41 3.04 7.27
C PRO B 44 12.89 3.38 7.30
N LYS B 45 13.16 4.67 7.44
CA LYS B 45 14.51 5.21 7.65
C LYS B 45 14.49 6.07 8.92
N ALA B 46 15.47 5.87 9.77
CA ALA B 46 15.53 6.60 11.03
C ALA B 46 15.99 8.03 10.80
N LEU B 47 15.34 8.97 11.48
CA LEU B 47 15.70 10.38 11.38
C LEU B 47 16.21 10.98 12.68
N ILE B 48 15.43 10.84 13.75
CA ILE B 48 15.65 11.50 15.04
C ILE B 48 15.60 10.46 16.14
N PHE B 49 16.42 10.66 17.17
CA PHE B 49 16.32 9.90 18.41
C PHE B 49 16.51 10.86 19.58
N SER B 50 16.21 10.37 20.79
CA SER B 50 16.22 11.23 21.98
C SER B 50 15.51 12.56 21.69
N ALA B 51 14.40 12.47 20.93
CA ALA B 51 13.49 13.55 20.58
C ALA B 51 14.07 14.66 19.70
N SER B 52 15.39 14.91 19.73
CA SER B 52 15.91 16.08 19.03
C SER B 52 17.26 15.88 18.38
N LEU B 53 17.81 14.67 18.42
CA LEU B 53 19.13 14.37 17.90
C LEU B 53 19.01 13.59 16.60
N ARG B 54 19.83 13.94 15.62
CA ARG B 54 19.78 13.28 14.32
C ARG B 54 20.66 12.05 14.28
N PHE B 55 20.17 10.99 13.63
CA PHE B 55 21.05 9.92 13.19
C PHE B 55 22.03 10.46 12.16
N SER B 56 23.16 9.77 12.01
CA SER B 56 24.20 10.24 11.10
C SER B 56 23.70 10.16 9.66
N GLY B 57 24.14 11.12 8.85
CA GLY B 57 23.65 11.26 7.49
C GLY B 57 22.35 12.02 7.33
N VAL B 58 21.58 12.23 8.40
CA VAL B 58 20.28 12.88 8.27
C VAL B 58 20.48 14.38 8.04
N PRO B 59 19.85 14.98 7.02
CA PRO B 59 20.06 16.41 6.76
C PRO B 59 19.63 17.28 7.92
N ALA B 60 20.32 18.41 8.05
CA ALA B 60 20.06 19.34 9.14
C ALA B 60 18.70 20.01 9.06
N ARG B 61 18.01 19.93 7.92
CA ARG B 61 16.70 20.57 7.87
C ARG B 61 15.65 19.80 8.67
N PHE B 62 15.95 18.56 9.09
CA PHE B 62 15.07 17.81 9.98
C PHE B 62 15.48 18.12 11.42
N THR B 63 14.54 18.63 12.21
CA THR B 63 14.77 18.82 13.64
C THR B 63 13.60 18.24 14.42
N GLY B 64 13.83 17.97 15.71
CA GLY B 64 12.80 17.45 16.56
C GLY B 64 12.80 18.18 17.89
N SER B 65 11.64 18.17 18.54
CA SER B 65 11.51 18.85 19.82
C SER B 65 10.45 18.17 20.67
N GLY B 66 10.53 18.47 21.96
CA GLY B 66 9.51 18.05 22.92
C GLY B 66 10.04 17.16 24.02
N SER B 67 9.34 17.13 25.15
CA SER B 67 9.73 16.29 26.28
C SER B 67 8.49 16.06 27.13
N GLY B 68 8.26 14.81 27.51
CA GLY B 68 7.06 14.50 28.27
C GLY B 68 6.05 13.82 27.37
N THR B 69 5.06 14.58 26.87
CA THR B 69 4.01 14.00 26.02
C THR B 69 3.88 14.59 24.63
N ASP B 70 4.34 15.81 24.37
CA ASP B 70 4.07 16.46 23.09
C ASP B 70 5.37 16.61 22.31
N PHE B 71 5.42 16.02 21.12
CA PHE B 71 6.62 15.97 20.29
C PHE B 71 6.32 16.49 18.91
N THR B 72 7.33 17.14 18.31
CA THR B 72 7.24 17.68 16.97
C THR B 72 8.48 17.36 16.16
N LEU B 73 8.25 16.88 14.94
CA LEU B 73 9.25 16.82 13.87
C LEU B 73 9.01 18.01 12.94
N THR B 74 10.04 18.82 12.74
CA THR B 74 9.94 19.96 11.86
C THR B 74 10.88 19.74 10.68
N ILE B 75 10.37 19.96 9.46
CA ILE B 75 11.18 19.95 8.27
C ILE B 75 11.19 21.38 7.74
N SER B 76 12.36 22.00 7.75
CA SER B 76 12.54 23.30 7.13
C SER B 76 12.87 23.13 5.66
N ASN B 77 12.52 24.14 4.88
CA ASN B 77 12.85 24.17 3.46
C ASN B 77 12.63 22.78 2.83
N LEU B 78 11.38 22.31 2.95
CA LEU B 78 10.99 21.02 2.41
C LEU B 78 11.49 20.81 0.98
N GLN B 79 12.09 19.64 0.75
CA GLN B 79 12.53 19.23 -0.56
C GLN B 79 11.62 18.16 -1.14
N SER B 80 11.61 18.06 -2.47
CA SER B 80 10.71 17.10 -3.13
C SER B 80 10.97 15.68 -2.64
N GLU B 81 12.23 15.35 -2.32
CA GLU B 81 12.51 14.02 -1.80
C GLU B 81 12.04 13.83 -0.37
N ASP B 82 11.59 14.90 0.28
CA ASP B 82 11.03 14.74 1.63
C ASP B 82 9.57 14.35 1.62
N LEU B 83 8.91 14.29 0.46
CA LEU B 83 7.52 13.83 0.39
C LEU B 83 7.47 12.35 0.74
N ALA B 84 6.82 12.04 1.86
CA ALA B 84 6.90 10.73 2.49
C ALA B 84 5.90 10.70 3.63
N GLU B 85 5.78 9.54 4.25
CA GLU B 85 5.11 9.41 5.53
C GLU B 85 6.11 9.55 6.67
N TYR B 86 5.67 10.13 7.78
CA TYR B 86 6.53 10.32 8.94
C TYR B 86 5.82 9.77 10.17
N PHE B 87 6.54 9.01 11.00
CA PHE B 87 5.91 8.48 12.20
C PHE B 87 6.88 8.45 13.37
N CYS B 88 6.32 8.59 14.58
CA CYS B 88 7.08 8.60 15.82
C CYS B 88 7.06 7.24 16.49
N GLN B 89 7.91 7.10 17.49
CA GLN B 89 7.97 5.92 18.32
C GLN B 89 8.46 6.31 19.70
N GLN B 90 7.89 5.70 20.73
CA GLN B 90 8.45 5.85 22.08
C GLN B 90 9.22 4.58 22.46
N TYR B 91 10.33 4.78 23.17
CA TYR B 91 11.15 3.68 23.67
C TYR B 91 11.45 3.91 25.15
N ASN B 92 10.52 4.58 25.84
CA ASN B 92 10.60 4.77 27.27
C ASN B 92 10.16 3.53 28.04
N ASN B 93 9.20 2.77 27.55
CA ASN B 93 8.80 1.56 28.27
C ASN B 93 8.22 0.54 27.31
N TYR B 94 8.03 -0.65 27.83
CA TYR B 94 7.52 -1.73 27.00
C TYR B 94 6.01 -1.88 27.18
N PRO B 95 5.31 -2.21 26.11
CA PRO B 95 5.86 -2.43 24.77
C PRO B 95 6.24 -1.15 24.07
N LEU B 96 7.29 -1.20 23.24
CA LEU B 96 7.57 -0.12 22.31
C LEU B 96 6.34 0.14 21.45
N THR B 97 6.00 1.40 21.20
CA THR B 97 4.82 1.68 20.41
C THR B 97 5.12 2.80 19.42
N PHE B 98 4.38 2.78 18.32
CA PHE B 98 4.60 3.70 17.22
C PHE B 98 3.35 4.52 16.96
N GLY B 99 3.54 5.75 16.50
CA GLY B 99 2.43 6.46 15.92
C GLY B 99 2.02 5.87 14.58
N ALA B 100 0.80 6.18 14.18
CA ALA B 100 0.24 5.66 12.92
C ALA B 100 0.77 6.40 11.70
N GLY B 101 1.32 7.57 11.86
CA GLY B 101 2.01 8.18 10.74
C GLY B 101 1.23 9.36 10.17
N THR B 102 1.98 10.28 9.59
CA THR B 102 1.41 11.44 8.91
C THR B 102 2.00 11.46 7.52
N LYS B 103 1.16 11.46 6.49
CA LYS B 103 1.63 11.42 5.11
C LYS B 103 1.58 12.83 4.53
N LEU B 104 2.69 13.24 3.94
CA LEU B 104 2.77 14.53 3.26
C LEU B 104 2.43 14.37 1.79
N GLU B 105 1.64 15.30 1.26
CA GLU B 105 1.35 15.36 -0.15
C GLU B 105 1.67 16.77 -0.64
N LEU B 106 1.86 16.90 -1.94
CA LEU B 106 2.30 18.13 -2.56
C LEU B 106 1.11 18.88 -3.14
N LYS B 107 0.96 20.14 -2.74
CA LYS B 107 -0.10 20.95 -3.31
C LYS B 107 0.16 21.18 -4.80
N ARG B 108 -0.91 21.14 -5.58
CA ARG B 108 -0.91 21.58 -6.96
C ARG B 108 -2.26 22.20 -7.27
N THR B 109 -2.41 22.68 -8.49
CA THR B 109 -3.68 23.28 -8.88
C THR B 109 -4.76 22.21 -9.01
N VAL B 110 -6.01 22.63 -8.78
CA VAL B 110 -7.14 21.72 -8.95
C VAL B 110 -7.14 21.15 -10.36
N ALA B 111 -7.47 19.86 -10.47
CA ALA B 111 -7.56 19.16 -11.75
C ALA B 111 -8.74 18.21 -11.69
N ALA B 112 -9.71 18.40 -12.59
CA ALA B 112 -10.87 17.52 -12.62
C ALA B 112 -10.49 16.16 -13.18
N PRO B 113 -11.12 15.08 -12.70
CA PRO B 113 -10.81 13.76 -13.22
C PRO B 113 -11.35 13.60 -14.62
N SER B 114 -10.62 12.82 -15.42
CA SER B 114 -11.08 12.29 -16.70
C SER B 114 -11.75 10.96 -16.40
N VAL B 115 -13.03 10.80 -16.75
CA VAL B 115 -13.82 9.65 -16.30
C VAL B 115 -14.10 8.71 -17.47
N PHE B 116 -14.02 7.41 -17.20
CA PHE B 116 -14.20 6.36 -18.19
C PHE B 116 -14.98 5.21 -17.56
N ILE B 117 -15.95 4.64 -18.27
CA ILE B 117 -16.65 3.46 -17.78
C ILE B 117 -16.35 2.26 -18.69
N PHE B 118 -16.28 1.07 -18.08
CA PHE B 118 -15.95 -0.16 -18.80
C PHE B 118 -16.98 -1.24 -18.48
N PRO B 119 -17.74 -1.71 -19.46
CA PRO B 119 -18.64 -2.85 -19.20
C PRO B 119 -17.83 -4.09 -18.89
N PRO B 120 -18.47 -5.11 -18.32
CA PRO B 120 -17.80 -6.40 -18.20
C PRO B 120 -17.53 -6.99 -19.56
N SER B 121 -16.45 -7.75 -19.63
CA SER B 121 -16.10 -8.47 -20.84
C SER B 121 -16.99 -9.70 -21.02
N ASP B 122 -17.12 -10.14 -22.28
CA ASP B 122 -17.87 -11.36 -22.57
C ASP B 122 -17.23 -12.57 -21.89
N GLU B 123 -15.90 -12.61 -21.87
CA GLU B 123 -15.19 -13.72 -21.22
C GLU B 123 -15.61 -13.85 -19.76
N GLN B 124 -15.65 -12.73 -19.04
CA GLN B 124 -16.02 -12.79 -17.62
C GLN B 124 -17.43 -13.35 -17.44
N LEU B 125 -18.36 -12.88 -18.24
CA LEU B 125 -19.77 -13.26 -17.99
C LEU B 125 -19.95 -14.78 -17.96
N LYS B 126 -19.16 -15.53 -18.74
CA LYS B 126 -19.24 -16.99 -18.65
C LYS B 126 -19.01 -17.50 -17.23
N SER B 127 -18.26 -16.74 -16.41
CA SER B 127 -17.93 -17.11 -15.04
C SER B 127 -19.15 -17.05 -14.10
N GLY B 128 -20.18 -16.29 -14.46
CA GLY B 128 -21.31 -16.08 -13.58
C GLY B 128 -21.29 -14.78 -12.81
N THR B 129 -20.22 -14.00 -12.93
CA THR B 129 -20.10 -12.69 -12.28
C THR B 129 -19.75 -11.63 -13.32
N ALA B 130 -20.20 -10.42 -13.05
CA ALA B 130 -19.95 -9.25 -13.88
C ALA B 130 -19.29 -8.16 -13.07
N SER B 131 -18.18 -7.64 -13.57
CA SER B 131 -17.54 -6.46 -12.99
C SER B 131 -17.69 -5.29 -13.93
N VAL B 132 -18.17 -4.17 -13.40
CA VAL B 132 -18.25 -2.91 -14.12
C VAL B 132 -17.22 -1.97 -13.49
N VAL B 133 -16.36 -1.36 -14.30
CA VAL B 133 -15.24 -0.58 -13.76
C VAL B 133 -15.38 0.87 -14.18
N CYS B 134 -15.18 1.78 -13.24
CA CYS B 134 -15.19 3.21 -13.50
C CYS B 134 -13.80 3.74 -13.11
N LEU B 135 -13.16 4.45 -14.02
CA LEU B 135 -11.83 5.04 -13.77
C LEU B 135 -11.93 6.56 -13.68
N LEU B 136 -11.33 7.13 -12.63
CA LEU B 136 -11.17 8.57 -12.50
C LEU B 136 -9.69 8.85 -12.60
N ASN B 137 -9.26 9.53 -13.66
CA ASN B 137 -7.83 9.62 -13.95
C ASN B 137 -7.28 11.02 -13.73
N ASN B 138 -6.13 11.08 -13.07
CA ASN B 138 -5.28 12.27 -12.94
C ASN B 138 -6.04 13.49 -12.44
N PHE B 139 -6.51 13.40 -11.21
CA PHE B 139 -7.22 14.50 -10.58
C PHE B 139 -6.51 14.95 -9.32
N TYR B 140 -6.90 16.14 -8.84
CA TYR B 140 -6.36 16.73 -7.61
C TYR B 140 -7.39 17.74 -7.11
N PRO B 141 -7.74 17.76 -5.82
CA PRO B 141 -7.16 16.96 -4.72
C PRO B 141 -7.72 15.56 -4.69
N ARG B 142 -7.29 14.78 -3.69
CA ARG B 142 -7.57 13.35 -3.68
CA ARG B 142 -7.56 13.35 -3.66
C ARG B 142 -9.04 13.07 -3.43
N GLU B 143 -9.75 13.96 -2.74
CA GLU B 143 -11.16 13.73 -2.43
C GLU B 143 -11.99 13.63 -3.69
N ALA B 144 -12.71 12.52 -3.83
CA ALA B 144 -13.65 12.38 -4.93
C ALA B 144 -14.73 11.41 -4.49
N LYS B 145 -15.94 11.59 -5.03
CA LYS B 145 -17.04 10.67 -4.77
C LYS B 145 -17.49 10.03 -6.08
N VAL B 146 -17.65 8.71 -6.05
CA VAL B 146 -18.14 7.95 -7.19
C VAL B 146 -19.39 7.21 -6.73
N GLN B 147 -20.48 7.40 -7.47
CA GLN B 147 -21.72 6.66 -7.22
C GLN B 147 -22.07 5.83 -8.45
N TRP B 148 -22.56 4.63 -8.19
CA TRP B 148 -23.01 3.73 -9.23
C TRP B 148 -24.53 3.78 -9.29
N LYS B 149 -25.09 3.90 -10.50
CA LYS B 149 -26.53 3.85 -10.69
C LYS B 149 -26.85 2.83 -11.77
N VAL B 150 -27.72 1.88 -11.43
CA VAL B 150 -28.18 0.85 -12.35
C VAL B 150 -29.68 1.04 -12.60
N ASP B 151 -30.05 1.21 -13.86
CA ASP B 151 -31.42 1.62 -14.21
C ASP B 151 -31.85 2.81 -13.35
N ASN B 152 -30.92 3.75 -13.16
CA ASN B 152 -31.03 5.00 -12.41
C ASN B 152 -31.09 4.80 -10.89
N ALA B 153 -31.02 3.58 -10.39
CA ALA B 153 -31.15 3.32 -8.97
C ALA B 153 -29.75 3.35 -8.31
N LEU B 154 -29.57 4.25 -7.36
CA LEU B 154 -28.31 4.31 -6.61
C LEU B 154 -28.00 2.97 -5.94
N GLN B 155 -26.81 2.47 -6.20
CA GLN B 155 -26.30 1.25 -5.60
C GLN B 155 -25.58 1.52 -4.28
N SER B 156 -25.59 0.50 -3.41
CA SER B 156 -24.85 0.58 -2.16
C SER B 156 -24.42 -0.81 -1.73
N GLY B 157 -23.17 -0.93 -1.28
CA GLY B 157 -22.65 -2.15 -0.70
C GLY B 157 -22.02 -3.13 -1.69
N ASN B 158 -22.01 -2.82 -2.98
CA ASN B 158 -21.56 -3.76 -4.00
C ASN B 158 -20.49 -3.13 -4.88
N SER B 159 -19.75 -2.16 -4.34
CA SER B 159 -18.61 -1.56 -5.04
C SER B 159 -17.43 -1.40 -4.08
N GLN B 160 -16.24 -1.40 -4.67
CA GLN B 160 -15.03 -1.16 -3.91
C GLN B 160 -14.16 -0.21 -4.72
N GLU B 161 -13.37 0.61 -4.02
CA GLU B 161 -12.48 1.47 -4.77
C GLU B 161 -11.06 1.36 -4.26
N SER B 162 -10.17 1.87 -5.10
CA SER B 162 -8.72 1.82 -4.85
C SER B 162 -8.16 3.09 -5.45
N VAL B 163 -7.13 3.65 -4.81
CA VAL B 163 -6.57 4.94 -5.22
C VAL B 163 -5.05 4.81 -5.30
N THR B 164 -4.47 5.42 -6.32
CA THR B 164 -3.01 5.41 -6.45
C THR B 164 -2.37 6.41 -5.49
N GLU B 165 -1.07 6.20 -5.23
CA GLU B 165 -0.32 7.24 -4.57
C GLU B 165 -0.17 8.46 -5.47
N GLN B 166 0.11 9.61 -4.86
CA GLN B 166 0.25 10.83 -5.63
C GLN B 166 1.36 10.66 -6.66
N ASP B 167 1.10 11.09 -7.88
CA ASP B 167 2.05 10.91 -8.95
C ASP B 167 3.25 11.83 -8.75
N SER B 168 4.44 11.27 -8.85
CA SER B 168 5.64 12.07 -8.63
C SER B 168 5.87 13.13 -9.70
N LYS B 169 5.34 12.93 -10.91
CA LYS B 169 5.61 13.89 -11.97
C LYS B 169 4.58 15.03 -11.99
N ASP B 170 3.30 14.68 -12.00
CA ASP B 170 2.24 15.67 -12.17
C ASP B 170 1.42 15.88 -10.91
N SER B 171 1.75 15.17 -9.82
CA SER B 171 1.14 15.38 -8.50
C SER B 171 -0.38 15.10 -8.48
N THR B 172 -0.90 14.27 -9.40
CA THR B 172 -2.30 13.91 -9.40
C THR B 172 -2.51 12.54 -8.76
N TYR B 173 -3.80 12.22 -8.59
CA TYR B 173 -4.26 10.92 -8.14
C TYR B 173 -5.15 10.29 -9.20
N SER B 174 -5.23 8.96 -9.18
CA SER B 174 -6.22 8.25 -9.99
C SER B 174 -6.97 7.28 -9.10
N LEU B 175 -8.15 6.86 -9.55
CA LEU B 175 -9.01 6.08 -8.69
C LEU B 175 -9.85 5.15 -9.55
N SER B 176 -9.99 3.90 -9.12
CA SER B 176 -10.89 2.97 -9.78
C SER B 176 -12.00 2.57 -8.81
N SER B 177 -13.19 2.38 -9.36
CA SER B 177 -14.29 1.79 -8.62
C SER B 177 -14.83 0.61 -9.42
N THR B 178 -15.04 -0.51 -8.74
CA THR B 178 -15.55 -1.72 -9.38
C THR B 178 -16.88 -2.08 -8.75
N LEU B 179 -17.90 -2.16 -9.59
CA LEU B 179 -19.21 -2.66 -9.19
C LEU B 179 -19.29 -4.14 -9.50
N THR B 180 -19.65 -4.96 -8.51
CA THR B 180 -19.76 -6.41 -8.69
C THR B 180 -21.22 -6.83 -8.65
N LEU B 181 -21.63 -7.57 -9.68
CA LEU B 181 -22.98 -8.13 -9.76
C LEU B 181 -22.90 -9.56 -10.28
N SER B 182 -23.94 -10.35 -10.00
CA SER B 182 -24.04 -11.63 -10.70
C SER B 182 -24.32 -11.38 -12.17
N LYS B 183 -23.90 -12.31 -13.02
CA LYS B 183 -24.29 -12.20 -14.41
C LYS B 183 -25.81 -12.12 -14.56
N ALA B 184 -26.54 -12.96 -13.81
CA ALA B 184 -27.99 -12.94 -13.98
C ALA B 184 -28.57 -11.57 -13.65
N ASP B 185 -28.06 -10.91 -12.59
CA ASP B 185 -28.55 -9.56 -12.27
C ASP B 185 -28.11 -8.55 -13.34
N TYR B 186 -26.86 -8.66 -13.79
CA TYR B 186 -26.35 -7.79 -14.84
C TYR B 186 -27.30 -7.81 -16.03
N GLU B 187 -27.67 -9.01 -16.47
CA GLU B 187 -28.51 -9.15 -17.65
C GLU B 187 -29.93 -8.64 -17.44
N LYS B 188 -30.35 -8.36 -16.22
CA LYS B 188 -31.72 -7.87 -16.00
C LYS B 188 -31.83 -6.35 -16.03
N HIS B 189 -30.75 -5.62 -16.30
CA HIS B 189 -30.79 -4.16 -16.32
C HIS B 189 -30.27 -3.64 -17.65
N LYS B 190 -30.65 -2.41 -17.94
CA LYS B 190 -30.32 -1.74 -19.19
C LYS B 190 -29.15 -0.77 -19.04
N VAL B 191 -29.23 0.14 -18.07
CA VAL B 191 -28.38 1.32 -18.01
C VAL B 191 -27.43 1.17 -16.83
N TYR B 192 -26.12 1.33 -17.10
CA TYR B 192 -25.07 1.31 -16.08
C TYR B 192 -24.35 2.65 -16.15
N ALA B 193 -24.32 3.37 -15.02
CA ALA B 193 -23.78 4.73 -14.94
C ALA B 193 -22.86 4.87 -13.73
N CYS B 194 -21.72 5.58 -13.95
CA CYS B 194 -20.76 6.01 -12.93
C CYS B 194 -20.92 7.52 -12.84
N GLU B 195 -21.27 8.05 -11.66
CA GLU B 195 -21.48 9.48 -11.48
C GLU B 195 -20.42 10.01 -10.53
N VAL B 196 -19.70 11.04 -10.96
CA VAL B 196 -18.50 11.52 -10.28
C VAL B 196 -18.66 12.98 -9.86
N THR B 197 -18.33 13.25 -8.62
CA THR B 197 -18.31 14.60 -8.07
C THR B 197 -16.91 14.86 -7.53
N HIS B 198 -16.41 16.06 -7.79
CA HIS B 198 -15.04 16.43 -7.47
C HIS B 198 -14.97 17.94 -7.50
N GLN B 199 -14.04 18.48 -6.72
CA GLN B 199 -13.96 19.94 -6.58
C GLN B 199 -13.74 20.63 -7.91
N GLY B 200 -13.03 19.98 -8.83
CA GLY B 200 -12.74 20.56 -10.12
C GLY B 200 -13.89 20.55 -11.10
N LEU B 201 -15.04 19.99 -10.72
CA LEU B 201 -16.20 19.87 -11.59
C LEU B 201 -17.33 20.70 -11.00
N SER B 202 -17.84 21.66 -11.77
CA SER B 202 -18.94 22.49 -11.29
C SER B 202 -20.23 21.71 -11.14
N SER B 203 -20.40 20.63 -11.88
CA SER B 203 -21.53 19.73 -11.73
C SER B 203 -21.04 18.31 -11.95
N PRO B 204 -21.73 17.32 -11.39
CA PRO B 204 -21.25 15.94 -11.50
C PRO B 204 -21.17 15.47 -12.95
N VAL B 205 -20.23 14.58 -13.19
CA VAL B 205 -19.97 14.01 -14.50
C VAL B 205 -20.44 12.56 -14.47
N THR B 206 -21.23 12.18 -15.47
CA THR B 206 -21.75 10.83 -15.57
C THR B 206 -21.23 10.16 -16.83
N LYS B 207 -20.67 8.99 -16.68
CA LYS B 207 -20.35 8.13 -17.82
C LYS B 207 -21.26 6.92 -17.73
N SER B 208 -21.83 6.50 -18.86
CA SER B 208 -22.79 5.40 -18.81
C SER B 208 -22.74 4.62 -20.11
N PHE B 209 -23.30 3.42 -20.05
CA PHE B 209 -23.53 2.60 -21.23
C PHE B 209 -24.83 1.82 -21.05
N ASN B 210 -25.46 1.51 -22.17
CA ASN B 210 -26.58 0.57 -22.19
C ASN B 210 -26.05 -0.81 -22.50
N ARG B 211 -26.44 -1.79 -21.68
CA ARG B 211 -25.93 -3.15 -21.84
C ARG B 211 -26.23 -3.67 -23.23
N GLY B 212 -25.19 -4.18 -23.91
CA GLY B 212 -25.33 -4.77 -25.23
C GLY B 212 -25.04 -3.84 -26.40
N GLU B 213 -24.96 -2.53 -26.17
CA GLU B 213 -24.79 -1.57 -27.24
C GLU B 213 -23.36 -1.02 -27.29
#